data_5TKP
#
_entry.id   5TKP
#
_cell.length_a   109.120
_cell.length_b   109.120
_cell.length_c   54.800
_cell.angle_alpha   90.000
_cell.angle_beta   90.000
_cell.angle_gamma   90.000
#
_symmetry.space_group_name_H-M   'P 42 21 2'
#
loop_
_entity.id
_entity.type
_entity.pdbx_description
1 polymer 'Fructose-bisphosphate aldolase'
2 non-polymer 1,6-di-O-phosphono-D-fructose
3 water water
#
_entity_poly.entity_id   1
_entity_poly.type   'polypeptide(L)'
_entity_poly.pdbx_seq_one_letter_code
;MSGYGLPISQEVAKELAENARKIAAPGKGILAADESTGTIKKRFDSIGVENTEANRAFYRDLLFSTKGLGQYISGAILFE
ETLYQKSPSGVPMVDLLKAEGIIPGIKVDKGLETLPLTDDEKATMGLDGLSERCKKYYEAGARFAKWRAVLSIDPAKGKP
TNLSITEVAHGLARYAAICQANRLVPIVEPEILTDGSHDITVCAEVTERVLAAVFKALNDHHVLLEGALLKPNMVTHGSD
CPKPASHEEIAFYTVRSLKRTVPPALPGVMFLSGGQSEEDASLNLNEMNKMGPHPFQLSFSYGRALQASCLKAWKGVPEN
KAKAQQVLMERARANGEAQLGKYGGGAGGALAASSLFEKRYVY
;
_entity_poly.pdbx_strand_id   A
#
# COMPACT_ATOMS: atom_id res chain seq x y z
N SER A 2 -31.01 -11.31 -18.50
CA SER A 2 -30.26 -10.29 -17.77
C SER A 2 -28.87 -10.84 -17.39
N GLY A 3 -28.64 -11.04 -16.10
CA GLY A 3 -27.45 -11.76 -15.64
C GLY A 3 -26.23 -10.90 -15.39
N TYR A 4 -26.38 -9.59 -15.57
CA TYR A 4 -25.29 -8.67 -15.32
C TYR A 4 -25.39 -8.15 -13.89
N GLY A 5 -24.36 -7.43 -13.46
CA GLY A 5 -24.36 -6.84 -12.15
C GLY A 5 -25.47 -5.81 -12.01
N LEU A 6 -26.10 -5.80 -10.85
CA LEU A 6 -27.10 -4.80 -10.53
C LEU A 6 -26.45 -3.42 -10.45
N PRO A 7 -27.25 -2.36 -10.67
CA PRO A 7 -26.67 -1.02 -10.58
C PRO A 7 -26.15 -0.71 -9.18
N ILE A 8 -24.96 -0.14 -9.08
CA ILE A 8 -24.42 0.29 -7.80
C ILE A 8 -25.21 1.49 -7.35
N SER A 9 -25.25 1.72 -6.03
CA SER A 9 -25.84 2.94 -5.52
C SER A 9 -25.03 4.13 -6.00
N GLN A 10 -25.70 5.09 -6.66
CA GLN A 10 -25.03 6.28 -7.16
C GLN A 10 -24.49 7.13 -6.02
N GLU A 11 -25.17 7.10 -4.88
CA GLU A 11 -24.72 7.83 -3.71
C GLU A 11 -23.45 7.19 -3.13
N VAL A 12 -23.46 5.88 -3.03
CA VAL A 12 -22.28 5.16 -2.53
C VAL A 12 -21.14 5.35 -3.52
N ALA A 13 -21.43 5.17 -4.81
CA ALA A 13 -20.41 5.30 -5.86
C ALA A 13 -19.71 6.64 -5.79
N LYS A 14 -20.48 7.73 -5.71
CA LYS A 14 -19.90 9.07 -5.58
C LYS A 14 -18.94 9.18 -4.39
N GLU A 15 -19.35 8.70 -3.22
CA GLU A 15 -18.49 8.77 -2.04
C GLU A 15 -17.16 8.06 -2.27
N LEU A 16 -17.24 6.83 -2.79
CA LEU A 16 -16.05 6.03 -3.04
C LEU A 16 -15.11 6.73 -4.01
N ALA A 17 -15.68 7.27 -5.08
CA ALA A 17 -14.92 7.91 -6.13
C ALA A 17 -14.26 9.19 -5.61
N GLU A 18 -15.01 9.98 -4.85
CA GLU A 18 -14.52 11.23 -4.30
C GLU A 18 -13.42 10.97 -3.26
N ASN A 19 -13.60 9.97 -2.41
CA ASN A 19 -12.57 9.65 -1.43
C ASN A 19 -11.35 9.02 -2.10
N ALA A 20 -11.56 8.22 -3.14
CA ALA A 20 -10.43 7.64 -3.84
C ALA A 20 -9.56 8.73 -4.46
N ARG A 21 -10.19 9.74 -5.05
CA ARG A 21 -9.44 10.83 -5.66
C ARG A 21 -8.74 11.71 -4.61
N LYS A 22 -9.35 11.84 -3.43
CA LYS A 22 -8.75 12.54 -2.29
C LYS A 22 -7.50 11.81 -1.79
N ILE A 23 -7.56 10.49 -1.78
CA ILE A 23 -6.42 9.70 -1.36
C ILE A 23 -5.32 9.82 -2.41
N ALA A 24 -5.69 9.74 -3.69
CA ALA A 24 -4.75 9.89 -4.80
C ALA A 24 -4.56 11.37 -5.18
N ALA A 25 -4.43 12.23 -4.18
CA ALA A 25 -4.29 13.66 -4.42
C ALA A 25 -2.88 13.98 -4.91
N PRO A 26 -2.76 14.91 -5.88
CA PRO A 26 -1.44 15.37 -6.34
C PRO A 26 -0.54 15.84 -5.21
N GLY A 27 0.73 15.43 -5.23
CA GLY A 27 1.69 15.81 -4.22
C GLY A 27 1.52 15.12 -2.88
N LYS A 28 0.70 14.08 -2.85
CA LYS A 28 0.40 13.39 -1.60
C LYS A 28 0.40 11.90 -1.82
N GLY A 29 0.48 11.16 -0.71
CA GLY A 29 0.41 9.72 -0.76
C GLY A 29 0.00 9.13 0.57
N ILE A 30 0.18 7.83 0.71
CA ILE A 30 -0.33 7.09 1.86
C ILE A 30 0.81 6.70 2.80
N LEU A 31 0.60 6.92 4.10
CA LEU A 31 1.46 6.38 5.14
C LEU A 31 0.93 5.01 5.56
N ALA A 32 1.67 3.94 5.26
CA ALA A 32 1.25 2.60 5.66
C ALA A 32 1.79 2.29 7.05
N ALA A 33 0.93 2.44 8.05
CA ALA A 33 1.29 2.17 9.43
C ALA A 33 0.41 1.06 10.00
N ASP A 34 0.10 0.07 9.16
CA ASP A 34 -0.83 -0.99 9.52
C ASP A 34 -0.11 -2.29 9.90
N GLU A 35 1.14 -2.18 10.35
CA GLU A 35 1.87 -3.36 10.81
C GLU A 35 1.09 -4.09 11.90
N SER A 36 0.82 -5.37 11.64
CA SER A 36 0.21 -6.24 12.62
C SER A 36 1.14 -6.38 13.82
N THR A 37 0.70 -7.11 14.84
CA THR A 37 1.44 -7.20 16.08
C THR A 37 2.79 -7.86 15.87
N GLY A 38 2.83 -8.86 14.98
CA GLY A 38 4.04 -9.61 14.72
C GLY A 38 4.97 -8.91 13.75
N THR A 39 4.39 -8.12 12.86
CA THR A 39 5.18 -7.39 11.87
C THR A 39 5.83 -6.19 12.53
N ILE A 40 5.10 -5.51 13.41
CA ILE A 40 5.65 -4.34 14.09
C ILE A 40 6.74 -4.80 15.05
N LYS A 41 6.59 -6.01 15.58
CA LYS A 41 7.57 -6.59 16.48
C LYS A 41 8.95 -6.62 15.82
N LYS A 42 8.97 -6.99 14.55
CA LYS A 42 10.21 -7.02 13.79
C LYS A 42 10.77 -5.62 13.67
N ARG A 43 9.91 -4.68 13.32
CA ARG A 43 10.32 -3.28 13.17
C ARG A 43 10.96 -2.81 14.46
N PHE A 44 10.29 -3.05 15.58
CA PHE A 44 10.81 -2.65 16.89
C PHE A 44 12.08 -3.43 17.27
N ASP A 45 12.14 -4.69 16.84
CA ASP A 45 13.31 -5.53 17.10
C ASP A 45 14.58 -4.90 16.53
N SER A 46 14.45 -4.27 15.36
CA SER A 46 15.60 -3.71 14.65
C SER A 46 16.18 -2.47 15.34
N ILE A 47 15.46 -1.94 16.32
CA ILE A 47 15.93 -0.79 17.09
C ILE A 47 15.90 -1.12 18.59
N GLY A 48 15.74 -2.39 18.91
CA GLY A 48 15.77 -2.84 20.29
C GLY A 48 14.69 -2.24 21.16
N VAL A 49 13.43 -2.44 20.76
CA VAL A 49 12.29 -1.94 21.52
C VAL A 49 11.32 -3.08 21.77
N GLU A 50 10.89 -3.25 23.02
CA GLU A 50 9.94 -4.29 23.37
C GLU A 50 8.58 -3.95 22.77
N ASN A 51 7.87 -4.95 22.26
CA ASN A 51 6.59 -4.74 21.61
C ASN A 51 5.44 -4.75 22.62
N THR A 52 5.36 -3.72 23.43
CA THR A 52 4.25 -3.52 24.34
C THR A 52 3.20 -2.64 23.67
N GLU A 53 1.97 -2.67 24.19
CA GLU A 53 0.89 -1.84 23.65
C GLU A 53 1.22 -0.35 23.82
N ALA A 54 1.96 -0.03 24.87
CA ALA A 54 2.29 1.36 25.19
C ALA A 54 3.33 1.90 24.22
N ASN A 55 4.31 1.07 23.87
CA ASN A 55 5.31 1.46 22.88
C ASN A 55 4.68 1.67 21.51
N ARG A 56 3.75 0.78 21.16
CA ARG A 56 3.05 0.90 19.89
C ARG A 56 2.16 2.13 19.88
N ALA A 57 1.50 2.41 20.99
CA ALA A 57 0.66 3.59 21.11
C ALA A 57 1.53 4.85 21.02
N PHE A 58 2.70 4.81 21.64
CA PHE A 58 3.64 5.92 21.59
C PHE A 58 4.14 6.17 20.15
N TYR A 59 4.51 5.09 19.46
CA TYR A 59 5.05 5.22 18.11
C TYR A 59 4.00 5.71 17.12
N ARG A 60 2.82 5.11 17.14
CA ARG A 60 1.75 5.55 16.25
C ARG A 60 1.37 7.00 16.53
N ASP A 61 1.30 7.39 17.81
CA ASP A 61 1.04 8.79 18.17
C ASP A 61 2.15 9.68 17.63
N LEU A 62 3.39 9.22 17.75
CA LEU A 62 4.53 9.96 17.23
C LEU A 62 4.33 10.23 15.74
N LEU A 63 3.88 9.22 14.99
CA LEU A 63 3.66 9.38 13.56
C LEU A 63 2.53 10.35 13.26
N PHE A 64 1.35 10.08 13.80
CA PHE A 64 0.14 10.80 13.41
C PHE A 64 0.05 12.21 14.03
N SER A 65 0.81 12.46 15.09
CA SER A 65 0.79 13.77 15.74
C SER A 65 1.85 14.71 15.17
N THR A 66 2.46 14.30 14.06
CA THR A 66 3.49 15.13 13.44
C THR A 66 2.85 16.34 12.76
N LYS A 67 3.27 17.53 13.18
CA LYS A 67 2.70 18.80 12.72
C LYS A 67 2.93 19.04 11.23
N GLY A 68 1.85 19.24 10.48
CA GLY A 68 1.94 19.47 9.04
C GLY A 68 2.06 18.23 8.17
N LEU A 69 1.86 17.06 8.77
CA LEU A 69 2.00 15.82 8.02
C LEU A 69 1.01 15.75 6.86
N GLY A 70 -0.18 16.30 7.06
CA GLY A 70 -1.25 16.21 6.08
C GLY A 70 -0.95 16.92 4.78
N GLN A 71 0.14 17.69 4.76
CA GLN A 71 0.55 18.36 3.54
C GLN A 71 1.03 17.36 2.50
N TYR A 72 1.57 16.24 2.96
CA TYR A 72 2.16 15.26 2.06
C TYR A 72 1.50 13.90 2.16
N ILE A 73 0.67 13.71 3.20
CA ILE A 73 0.04 12.42 3.47
C ILE A 73 -1.46 12.60 3.38
N SER A 74 -2.06 11.89 2.42
CA SER A 74 -3.48 12.00 2.15
C SER A 74 -4.26 11.03 3.05
N GLY A 75 -3.66 9.87 3.29
CA GLY A 75 -4.29 8.86 4.12
C GLY A 75 -3.27 8.06 4.89
N ALA A 76 -3.72 7.45 5.97
CA ALA A 76 -2.89 6.56 6.79
C ALA A 76 -3.59 5.22 7.02
N ILE A 77 -2.93 4.14 6.62
CA ILE A 77 -3.47 2.79 6.84
C ILE A 77 -3.16 2.36 8.27
N LEU A 78 -4.21 1.91 8.98
CA LEU A 78 -4.10 1.48 10.37
C LEU A 78 -4.37 0.00 10.53
N PHE A 79 -3.74 -0.59 11.54
CA PHE A 79 -4.10 -1.91 12.03
C PHE A 79 -5.27 -1.72 12.99
N GLU A 80 -6.12 -2.73 13.13
CA GLU A 80 -7.34 -2.57 13.90
C GLU A 80 -7.09 -2.01 15.29
N GLU A 81 -6.03 -2.49 15.92
CA GLU A 81 -5.69 -2.03 17.27
C GLU A 81 -5.64 -0.52 17.32
N THR A 82 -4.88 0.05 16.38
CA THR A 82 -4.62 1.48 16.34
C THR A 82 -5.86 2.30 16.06
N LEU A 83 -6.77 1.73 15.27
CA LEU A 83 -8.01 2.39 14.91
C LEU A 83 -8.83 2.70 16.15
N TYR A 84 -8.76 1.83 17.15
CA TYR A 84 -9.55 1.99 18.37
C TYR A 84 -8.65 2.38 19.54
N GLN A 85 -7.54 3.04 19.22
CA GLN A 85 -6.51 3.32 20.22
C GLN A 85 -6.41 4.81 20.49
N LYS A 86 -5.98 5.13 21.71
CA LYS A 86 -5.69 6.50 22.12
C LYS A 86 -4.18 6.68 22.30
N SER A 87 -3.70 7.86 21.96
CA SER A 87 -2.31 8.21 22.22
C SER A 87 -2.05 8.19 23.73
N PRO A 88 -0.78 8.10 24.14
CA PRO A 88 -0.46 8.10 25.57
C PRO A 88 -1.02 9.30 26.31
N SER A 89 -1.35 10.36 25.58
CA SER A 89 -1.93 11.57 26.16
C SER A 89 -3.45 11.50 26.19
N GLY A 90 -4.00 10.44 25.61
CA GLY A 90 -5.43 10.19 25.69
C GLY A 90 -6.24 10.57 24.46
N VAL A 91 -5.55 10.99 23.40
CA VAL A 91 -6.23 11.42 22.19
C VAL A 91 -6.43 10.21 21.27
N PRO A 92 -7.66 10.01 20.77
CA PRO A 92 -7.87 8.92 19.80
C PRO A 92 -6.99 9.09 18.57
N MET A 93 -6.43 7.99 18.09
CA MET A 93 -5.55 8.02 16.92
C MET A 93 -6.25 8.65 15.71
N VAL A 94 -7.51 8.29 15.48
CA VAL A 94 -8.25 8.87 14.36
C VAL A 94 -8.41 10.37 14.50
N ASP A 95 -8.47 10.88 15.72
CA ASP A 95 -8.61 12.32 15.94
C ASP A 95 -7.32 13.04 15.54
N LEU A 96 -6.18 12.38 15.75
CA LEU A 96 -4.90 12.90 15.29
C LEU A 96 -4.89 13.02 13.78
N LEU A 97 -5.36 11.97 13.11
CA LEU A 97 -5.41 11.96 11.66
C LEU A 97 -6.32 13.07 11.14
N LYS A 98 -7.51 13.17 11.74
CA LYS A 98 -8.52 14.17 11.36
C LYS A 98 -7.99 15.58 11.50
N ALA A 99 -7.17 15.82 12.52
CA ALA A 99 -6.63 17.15 12.78
C ALA A 99 -5.71 17.58 11.64
N GLU A 100 -5.03 16.63 11.02
CA GLU A 100 -4.16 16.93 9.88
C GLU A 100 -4.90 16.78 8.55
N GLY A 101 -6.18 16.40 8.61
CA GLY A 101 -6.96 16.14 7.41
C GLY A 101 -6.53 14.87 6.68
N ILE A 102 -5.95 13.94 7.44
CA ILE A 102 -5.51 12.67 6.88
C ILE A 102 -6.66 11.68 6.98
N ILE A 103 -6.97 11.01 5.87
CA ILE A 103 -8.05 10.05 5.87
C ILE A 103 -7.59 8.74 6.52
N PRO A 104 -8.34 8.25 7.51
CA PRO A 104 -8.00 6.95 8.11
C PRO A 104 -8.38 5.78 7.20
N GLY A 105 -7.49 4.79 7.11
CA GLY A 105 -7.77 3.57 6.37
C GLY A 105 -7.45 2.37 7.24
N ILE A 106 -8.01 1.22 6.91
CA ILE A 106 -7.92 0.07 7.81
C ILE A 106 -7.49 -1.16 7.02
N LYS A 107 -6.46 -1.84 7.52
CA LYS A 107 -6.09 -3.16 7.00
C LYS A 107 -7.16 -4.16 7.43
N VAL A 108 -7.72 -4.89 6.47
CA VAL A 108 -8.84 -5.78 6.74
C VAL A 108 -8.59 -7.27 6.45
N ASP A 109 -7.44 -7.62 5.91
CA ASP A 109 -7.16 -9.03 5.67
C ASP A 109 -6.69 -9.68 6.96
N LYS A 110 -6.83 -10.99 7.03
CA LYS A 110 -6.42 -11.74 8.22
C LYS A 110 -5.13 -12.51 7.96
N GLY A 111 -4.29 -11.99 7.07
CA GLY A 111 -3.00 -12.59 6.79
C GLY A 111 -3.01 -13.74 5.79
N LEU A 112 -1.92 -14.51 5.79
CA LEU A 112 -1.66 -15.49 4.74
C LEU A 112 -1.78 -16.94 5.21
N GLU A 113 -2.12 -17.82 4.28
CA GLU A 113 -2.19 -19.25 4.54
C GLU A 113 -1.77 -20.01 3.29
N THR A 114 -0.98 -21.06 3.47
CA THR A 114 -0.48 -21.82 2.33
C THR A 114 -1.63 -22.48 1.56
N LEU A 115 -1.61 -22.31 0.24
CA LEU A 115 -2.50 -23.06 -0.63
C LEU A 115 -2.09 -24.54 -0.60
N PRO A 116 -3.01 -25.44 -0.26
CA PRO A 116 -2.62 -26.85 -0.23
C PRO A 116 -1.97 -27.31 -1.53
N LEU A 117 -0.96 -28.16 -1.38
CA LEU A 117 -0.26 -28.78 -2.50
C LEU A 117 0.37 -27.76 -3.45
N THR A 118 0.73 -26.61 -2.92
CA THR A 118 1.63 -25.70 -3.61
C THR A 118 2.93 -25.65 -2.82
N ASP A 119 3.96 -25.10 -3.43
CA ASP A 119 5.24 -24.97 -2.73
C ASP A 119 5.21 -23.70 -1.91
N ASP A 120 4.44 -23.74 -0.83
N ASP A 120 4.46 -23.76 -0.81
CA ASP A 120 4.38 -22.63 0.10
CA ASP A 120 4.31 -22.66 0.12
C ASP A 120 3.88 -21.34 -0.57
C ASP A 120 3.89 -21.37 -0.58
N GLU A 121 2.94 -21.48 -1.50
CA GLU A 121 2.31 -20.30 -2.11
C GLU A 121 1.11 -19.94 -1.23
N LYS A 122 0.74 -18.66 -1.20
CA LYS A 122 -0.11 -18.15 -0.13
C LYS A 122 -1.45 -17.62 -0.60
N ALA A 123 -2.51 -18.02 0.10
CA ALA A 123 -3.80 -17.38 -0.08
C ALA A 123 -3.96 -16.33 1.00
N THR A 124 -4.64 -15.25 0.69
CA THR A 124 -4.96 -14.26 1.71
C THR A 124 -6.34 -14.56 2.27
N MET A 125 -6.42 -14.61 3.59
CA MET A 125 -7.67 -14.91 4.28
C MET A 125 -8.32 -13.62 4.82
N GLY A 126 -9.62 -13.67 5.12
CA GLY A 126 -10.30 -12.52 5.71
C GLY A 126 -11.71 -12.19 5.22
N LEU A 127 -12.24 -12.97 4.29
CA LEU A 127 -13.56 -12.66 3.72
C LEU A 127 -14.68 -12.91 4.72
N ASP A 128 -14.45 -13.86 5.63
CA ASP A 128 -15.48 -14.21 6.60
C ASP A 128 -15.67 -13.07 7.59
N GLY A 129 -16.91 -12.57 7.65
CA GLY A 129 -17.22 -11.44 8.51
C GLY A 129 -16.75 -10.09 7.99
N LEU A 130 -16.09 -10.08 6.83
CA LEU A 130 -15.48 -8.85 6.32
C LEU A 130 -16.50 -7.72 6.18
N SER A 131 -17.66 -8.04 5.61
CA SER A 131 -18.70 -7.05 5.39
C SER A 131 -19.12 -6.41 6.72
N GLU A 132 -19.25 -7.23 7.75
CA GLU A 132 -19.66 -6.74 9.05
C GLU A 132 -18.54 -5.87 9.67
N ARG A 133 -17.28 -6.27 9.46
CA ARG A 133 -16.15 -5.50 9.96
C ARG A 133 -16.08 -4.14 9.26
N CYS A 134 -16.41 -4.11 7.97
CA CYS A 134 -16.32 -2.88 7.21
C CYS A 134 -17.27 -1.83 7.75
N LYS A 135 -18.48 -2.26 8.12
CA LYS A 135 -19.47 -1.36 8.69
C LYS A 135 -18.96 -0.73 9.98
N LYS A 136 -18.45 -1.56 10.88
CA LYS A 136 -17.91 -1.07 12.14
C LYS A 136 -16.78 -0.09 11.86
N TYR A 137 -15.86 -0.49 10.98
CA TYR A 137 -14.70 0.33 10.65
C TYR A 137 -15.12 1.67 10.05
N TYR A 138 -16.11 1.65 9.16
CA TYR A 138 -16.66 2.88 8.62
C TYR A 138 -17.10 3.77 9.79
N GLU A 139 -17.90 3.22 10.70
CA GLU A 139 -18.41 3.99 11.82
C GLU A 139 -17.28 4.56 12.68
N ALA A 140 -16.18 3.82 12.76
CA ALA A 140 -15.01 4.25 13.52
C ALA A 140 -14.23 5.34 12.81
N GLY A 141 -14.58 5.62 11.56
CA GLY A 141 -13.98 6.72 10.81
C GLY A 141 -13.14 6.34 9.61
N ALA A 142 -12.90 5.05 9.41
CA ALA A 142 -12.17 4.60 8.23
C ALA A 142 -12.97 4.82 6.95
N ARG A 143 -12.30 5.24 5.88
CA ARG A 143 -12.96 5.49 4.60
C ARG A 143 -12.29 4.71 3.47
N PHE A 144 -11.26 3.94 3.80
CA PHE A 144 -10.66 3.03 2.83
C PHE A 144 -10.02 1.85 3.55
N ALA A 145 -9.77 0.79 2.78
CA ALA A 145 -9.31 -0.46 3.35
C ALA A 145 -8.13 -1.00 2.58
N LYS A 146 -7.47 -2.01 3.15
CA LYS A 146 -6.31 -2.61 2.49
C LYS A 146 -6.29 -4.11 2.72
N TRP A 147 -5.89 -4.82 1.67
CA TRP A 147 -5.86 -6.27 1.64
C TRP A 147 -4.61 -6.70 0.87
N ARG A 148 -3.69 -7.34 1.56
CA ARG A 148 -2.42 -7.71 0.97
C ARG A 148 -2.40 -9.17 0.53
N ALA A 149 -2.18 -9.37 -0.78
CA ALA A 149 -1.91 -10.67 -1.36
C ALA A 149 -0.44 -10.72 -1.78
N VAL A 150 0.11 -11.92 -1.80
CA VAL A 150 1.55 -12.11 -2.02
C VAL A 150 1.78 -13.16 -3.09
N LEU A 151 2.69 -12.86 -4.03
CA LEU A 151 3.11 -13.84 -5.02
C LEU A 151 4.63 -13.88 -5.08
N SER A 152 5.19 -15.02 -5.43
CA SER A 152 6.61 -15.17 -5.56
C SER A 152 7.06 -15.57 -6.95
N ILE A 153 8.22 -15.11 -7.33
CA ILE A 153 8.81 -15.51 -8.61
C ILE A 153 9.87 -16.58 -8.36
N ASP A 154 9.75 -17.70 -9.08
CA ASP A 154 10.72 -18.77 -9.01
C ASP A 154 10.62 -19.58 -10.30
N PRO A 155 11.41 -19.21 -11.33
CA PRO A 155 11.27 -19.84 -12.65
C PRO A 155 11.41 -21.35 -12.61
N ALA A 156 12.33 -21.83 -11.78
CA ALA A 156 12.57 -23.24 -11.62
C ALA A 156 11.34 -23.98 -11.10
N LYS A 157 10.57 -23.32 -10.23
CA LYS A 157 9.40 -23.95 -9.62
C LYS A 157 8.08 -23.49 -10.25
N GLY A 158 8.18 -22.69 -11.31
CA GLY A 158 7.01 -22.21 -12.01
C GLY A 158 6.17 -21.27 -11.17
N LYS A 159 6.80 -20.60 -10.22
CA LYS A 159 6.11 -19.60 -9.43
C LYS A 159 6.17 -18.23 -10.11
N PRO A 160 5.08 -17.48 -10.06
CA PRO A 160 3.80 -17.82 -9.44
C PRO A 160 3.00 -18.83 -10.28
N THR A 161 2.44 -19.86 -9.65
CA THR A 161 1.63 -20.83 -10.38
C THR A 161 0.26 -20.25 -10.75
N ASN A 162 -0.48 -20.94 -11.61
CA ASN A 162 -1.81 -20.49 -12.01
C ASN A 162 -2.75 -20.45 -10.81
N LEU A 163 -2.62 -21.43 -9.92
CA LEU A 163 -3.47 -21.47 -8.72
C LEU A 163 -3.20 -20.24 -7.85
N SER A 164 -1.92 -19.91 -7.68
CA SER A 164 -1.54 -18.70 -6.96
C SER A 164 -2.22 -17.45 -7.51
N ILE A 165 -2.08 -17.22 -8.83
CA ILE A 165 -2.65 -16.04 -9.47
C ILE A 165 -4.16 -16.05 -9.35
N THR A 166 -4.78 -17.20 -9.60
CA THR A 166 -6.23 -17.32 -9.54
C THR A 166 -6.75 -16.99 -8.15
N GLU A 167 -6.07 -17.51 -7.13
CA GLU A 167 -6.49 -17.29 -5.75
C GLU A 167 -6.34 -15.82 -5.39
N VAL A 168 -5.18 -15.24 -5.67
CA VAL A 168 -4.92 -13.84 -5.37
C VAL A 168 -6.00 -12.94 -5.99
N ALA A 169 -6.24 -13.14 -7.28
CA ALA A 169 -7.21 -12.35 -8.02
C ALA A 169 -8.61 -12.48 -7.44
N HIS A 170 -9.00 -13.71 -7.16
CA HIS A 170 -10.34 -13.98 -6.64
C HIS A 170 -10.54 -13.33 -5.29
N GLY A 171 -9.56 -13.48 -4.41
CA GLY A 171 -9.64 -12.89 -3.09
C GLY A 171 -9.69 -11.37 -3.11
N LEU A 172 -8.86 -10.76 -3.96
CA LEU A 172 -8.85 -9.30 -4.07
C LEU A 172 -10.20 -8.78 -4.57
N ALA A 173 -10.79 -9.47 -5.53
CA ALA A 173 -12.04 -9.02 -6.12
C ALA A 173 -13.19 -9.12 -5.12
N ARG A 174 -13.24 -10.22 -4.39
CA ARG A 174 -14.29 -10.41 -3.41
C ARG A 174 -14.18 -9.34 -2.38
N TYR A 175 -12.97 -9.10 -1.89
CA TYR A 175 -12.71 -8.08 -0.90
C TYR A 175 -13.08 -6.68 -1.41
N ALA A 176 -12.73 -6.40 -2.63
CA ALA A 176 -12.99 -5.11 -3.19
C ALA A 176 -14.45 -4.82 -3.24
N ALA A 177 -15.19 -5.82 -3.67
CA ALA A 177 -16.62 -5.63 -3.86
C ALA A 177 -17.34 -5.50 -2.51
N ILE A 178 -16.89 -6.27 -1.52
CA ILE A 178 -17.44 -6.19 -0.17
C ILE A 178 -17.17 -4.81 0.45
N CYS A 179 -15.96 -4.31 0.25
CA CYS A 179 -15.61 -2.97 0.74
C CYS A 179 -16.49 -1.88 0.15
N GLN A 180 -16.64 -1.88 -1.17
CA GLN A 180 -17.41 -0.84 -1.82
C GLN A 180 -18.86 -0.90 -1.39
N ALA A 181 -19.36 -2.10 -1.12
CA ALA A 181 -20.72 -2.27 -0.63
C ALA A 181 -20.90 -1.60 0.73
N ASN A 182 -19.81 -1.45 1.48
CA ASN A 182 -19.88 -0.82 2.79
C ASN A 182 -19.21 0.58 2.81
N ARG A 183 -19.06 1.16 1.62
CA ARG A 183 -18.61 2.55 1.45
C ARG A 183 -17.14 2.76 1.79
N LEU A 184 -16.33 1.72 1.62
CA LEU A 184 -14.89 1.85 1.79
C LEU A 184 -14.20 1.69 0.45
N VAL A 185 -13.32 2.64 0.12
CA VAL A 185 -12.44 2.51 -1.02
C VAL A 185 -11.47 1.36 -0.77
N PRO A 186 -11.49 0.34 -1.65
CA PRO A 186 -10.52 -0.74 -1.45
C PRO A 186 -9.17 -0.51 -2.12
N ILE A 187 -8.09 -0.66 -1.36
CA ILE A 187 -6.75 -0.74 -1.94
C ILE A 187 -6.44 -2.19 -2.33
N VAL A 188 -6.26 -2.41 -3.63
CA VAL A 188 -5.95 -3.73 -4.19
C VAL A 188 -4.44 -3.94 -4.22
N GLU A 189 -3.92 -4.80 -3.34
CA GLU A 189 -2.48 -5.00 -3.21
C GLU A 189 -2.05 -6.42 -3.59
N PRO A 190 -1.73 -6.65 -4.87
CA PRO A 190 -1.12 -7.90 -5.29
C PRO A 190 0.42 -7.78 -5.31
N GLU A 191 1.07 -8.03 -4.19
CA GLU A 191 2.51 -7.79 -4.11
C GLU A 191 3.28 -8.97 -4.66
N ILE A 192 4.09 -8.71 -5.67
CA ILE A 192 5.02 -9.69 -6.18
C ILE A 192 6.32 -9.45 -5.45
N LEU A 193 6.69 -10.41 -4.61
CA LEU A 193 7.88 -10.29 -3.78
C LEU A 193 9.12 -10.20 -4.63
N THR A 194 10.15 -9.57 -4.09
CA THR A 194 11.40 -9.39 -4.81
C THR A 194 12.31 -10.62 -4.69
N ASP A 195 11.92 -11.56 -3.83
CA ASP A 195 12.71 -12.76 -3.54
C ASP A 195 13.24 -13.43 -4.80
N GLY A 196 14.56 -13.63 -4.88
CA GLY A 196 15.16 -14.30 -6.01
C GLY A 196 16.20 -13.48 -6.74
N SER A 197 16.84 -14.10 -7.73
CA SER A 197 17.86 -13.44 -8.53
C SER A 197 17.38 -13.21 -9.95
N HIS A 198 16.06 -13.07 -10.12
CA HIS A 198 15.50 -12.84 -11.44
C HIS A 198 15.80 -11.43 -11.94
N ASP A 199 15.74 -11.28 -13.25
CA ASP A 199 15.94 -10.00 -13.91
C ASP A 199 14.70 -9.09 -13.81
N ILE A 200 14.88 -7.81 -14.10
CA ILE A 200 13.78 -6.86 -14.08
C ILE A 200 12.75 -7.21 -15.17
N THR A 201 13.22 -7.75 -16.29
CA THR A 201 12.32 -8.10 -17.40
C THR A 201 11.44 -9.29 -17.02
N VAL A 202 11.96 -10.17 -16.17
CA VAL A 202 11.16 -11.25 -15.59
C VAL A 202 10.07 -10.65 -14.71
N CYS A 203 10.46 -9.71 -13.86
CA CYS A 203 9.51 -9.09 -12.94
C CYS A 203 8.39 -8.45 -13.75
N ALA A 204 8.77 -7.78 -14.84
CA ALA A 204 7.81 -7.08 -15.70
C ALA A 204 6.77 -8.03 -16.31
N GLU A 205 7.24 -9.18 -16.79
CA GLU A 205 6.36 -10.19 -17.37
C GLU A 205 5.38 -10.72 -16.35
N VAL A 206 5.90 -11.06 -15.16
CA VAL A 206 5.05 -11.60 -14.12
C VAL A 206 4.07 -10.53 -13.65
N THR A 207 4.53 -9.30 -13.46
CA THR A 207 3.66 -8.22 -13.02
C THR A 207 2.50 -8.06 -14.01
N GLU A 208 2.82 -8.05 -15.30
CA GLU A 208 1.78 -7.94 -16.31
C GLU A 208 0.75 -9.06 -16.21
N ARG A 209 1.23 -10.30 -16.10
CA ARG A 209 0.30 -11.42 -16.04
C ARG A 209 -0.61 -11.26 -14.84
N VAL A 210 -0.02 -10.97 -13.68
CA VAL A 210 -0.77 -10.86 -12.44
C VAL A 210 -1.81 -9.75 -12.53
N LEU A 211 -1.41 -8.57 -12.99
CA LEU A 211 -2.32 -7.43 -13.03
C LEU A 211 -3.45 -7.65 -14.02
N ALA A 212 -3.14 -8.32 -15.14
CA ALA A 212 -4.16 -8.66 -16.13
C ALA A 212 -5.23 -9.55 -15.51
N ALA A 213 -4.80 -10.54 -14.73
CA ALA A 213 -5.73 -11.47 -14.09
C ALA A 213 -6.55 -10.73 -13.04
N VAL A 214 -5.88 -9.87 -12.29
CA VAL A 214 -6.54 -9.11 -11.24
C VAL A 214 -7.63 -8.24 -11.82
N PHE A 215 -7.31 -7.45 -12.82
CA PHE A 215 -8.29 -6.48 -13.31
C PHE A 215 -9.41 -7.16 -14.07
N LYS A 216 -9.17 -8.36 -14.61
CA LYS A 216 -10.27 -9.13 -15.21
C LYS A 216 -11.20 -9.54 -14.10
N ALA A 217 -10.64 -10.02 -12.99
CA ALA A 217 -11.45 -10.45 -11.84
C ALA A 217 -12.25 -9.28 -11.22
N LEU A 218 -11.62 -8.12 -11.06
CA LEU A 218 -12.32 -6.94 -10.55
C LEU A 218 -13.53 -6.64 -11.41
N ASN A 219 -13.36 -6.80 -12.72
CA ASN A 219 -14.47 -6.57 -13.61
C ASN A 219 -15.57 -7.61 -13.40
N ASP A 220 -15.18 -8.89 -13.32
CA ASP A 220 -16.14 -9.98 -13.15
C ASP A 220 -16.96 -9.83 -11.86
N HIS A 221 -16.37 -9.23 -10.83
CA HIS A 221 -17.03 -9.05 -9.55
C HIS A 221 -17.73 -7.70 -9.39
N HIS A 222 -17.79 -6.93 -10.48
CA HIS A 222 -18.50 -5.66 -10.48
C HIS A 222 -17.86 -4.62 -9.56
N VAL A 223 -16.53 -4.60 -9.55
CA VAL A 223 -15.81 -3.61 -8.75
C VAL A 223 -15.73 -2.28 -9.51
N LEU A 224 -16.09 -1.20 -8.83
CA LEU A 224 -16.02 0.13 -9.38
C LEU A 224 -14.59 0.65 -9.34
N LEU A 225 -13.93 0.70 -10.49
CA LEU A 225 -12.54 1.13 -10.56
C LEU A 225 -12.36 2.60 -10.16
N GLU A 226 -13.39 3.40 -10.44
CA GLU A 226 -13.41 4.82 -10.09
C GLU A 226 -13.30 5.03 -8.59
N GLY A 227 -13.68 4.01 -7.83
CA GLY A 227 -13.66 4.06 -6.40
C GLY A 227 -12.75 3.02 -5.78
N ALA A 228 -11.62 2.78 -6.44
CA ALA A 228 -10.61 1.86 -5.92
C ALA A 228 -9.21 2.37 -6.21
N LEU A 229 -8.23 1.77 -5.54
CA LEU A 229 -6.82 2.10 -5.74
C LEU A 229 -6.00 0.83 -5.87
N LEU A 230 -4.90 0.90 -6.62
CA LEU A 230 -3.99 -0.23 -6.77
C LEU A 230 -2.70 0.02 -5.99
N LYS A 231 -2.24 -1.00 -5.27
CA LYS A 231 -1.00 -0.91 -4.52
C LYS A 231 -0.09 -2.03 -5.00
N PRO A 232 0.65 -1.78 -6.09
CA PRO A 232 1.48 -2.84 -6.66
C PRO A 232 2.97 -2.67 -6.33
N ASN A 233 3.71 -3.76 -6.46
CA ASN A 233 5.16 -3.67 -6.48
C ASN A 233 5.62 -2.79 -7.64
N MET A 234 6.71 -2.06 -7.46
CA MET A 234 7.42 -1.53 -8.60
C MET A 234 8.03 -2.71 -9.34
N VAL A 235 8.41 -2.50 -10.59
CA VAL A 235 9.08 -3.53 -11.37
C VAL A 235 10.59 -3.35 -11.22
N THR A 236 11.21 -4.33 -10.58
CA THR A 236 12.63 -4.29 -10.23
C THR A 236 13.33 -5.63 -10.45
N HIS A 237 14.65 -5.61 -10.39
CA HIS A 237 15.43 -6.84 -10.26
C HIS A 237 15.00 -7.55 -8.98
N GLY A 238 15.35 -8.82 -8.88
CA GLY A 238 15.14 -9.58 -7.66
C GLY A 238 16.11 -9.15 -6.59
N SER A 239 15.74 -9.37 -5.34
CA SER A 239 16.50 -8.89 -4.19
C SER A 239 17.86 -9.58 -4.03
N ASP A 240 18.05 -10.72 -4.68
CA ASP A 240 19.35 -11.40 -4.63
C ASP A 240 20.26 -10.95 -5.77
N CYS A 241 19.81 -10.01 -6.58
CA CYS A 241 20.64 -9.47 -7.65
C CYS A 241 21.67 -8.49 -7.14
N PRO A 242 22.94 -8.65 -7.54
CA PRO A 242 23.99 -7.75 -7.06
C PRO A 242 23.83 -6.32 -7.58
N LYS A 243 23.31 -6.19 -8.80
CA LYS A 243 23.12 -4.89 -9.42
C LYS A 243 21.68 -4.41 -9.25
N PRO A 244 21.45 -3.39 -8.40
CA PRO A 244 20.11 -2.83 -8.39
C PRO A 244 19.87 -2.03 -9.66
N ALA A 245 18.76 -2.27 -10.35
CA ALA A 245 18.49 -1.59 -11.61
C ALA A 245 18.57 -0.08 -11.41
N SER A 246 18.85 0.65 -12.48
CA SER A 246 18.81 2.10 -12.46
C SER A 246 17.38 2.59 -12.21
N HIS A 247 17.27 3.81 -11.68
CA HIS A 247 15.98 4.41 -11.43
C HIS A 247 15.23 4.62 -12.74
N GLU A 248 15.97 4.88 -13.81
CA GLU A 248 15.38 5.04 -15.14
C GLU A 248 14.72 3.73 -15.61
N GLU A 249 15.44 2.62 -15.46
CA GLU A 249 14.91 1.31 -15.84
C GLU A 249 13.68 0.95 -15.05
N ILE A 250 13.77 1.12 -13.74
CA ILE A 250 12.69 0.76 -12.85
C ILE A 250 11.45 1.57 -13.20
N ALA A 251 11.67 2.87 -13.45
CA ALA A 251 10.60 3.76 -13.88
C ALA A 251 9.99 3.29 -15.20
N PHE A 252 10.84 2.97 -16.17
CA PHE A 252 10.32 2.63 -17.49
C PHE A 252 9.43 1.40 -17.40
N TYR A 253 9.97 0.32 -16.83
CA TYR A 253 9.28 -0.96 -16.82
C TYR A 253 8.06 -0.97 -15.91
N THR A 254 8.09 -0.14 -14.87
CA THR A 254 6.95 -0.10 -13.96
C THR A 254 5.79 0.57 -14.69
N VAL A 255 6.03 1.73 -15.26
CA VAL A 255 4.98 2.46 -15.97
C VAL A 255 4.48 1.59 -17.12
N ARG A 256 5.40 1.03 -17.89
CA ARG A 256 5.02 0.17 -19.01
C ARG A 256 4.05 -0.93 -18.55
N SER A 257 4.43 -1.63 -17.48
CA SER A 257 3.62 -2.73 -16.97
C SER A 257 2.24 -2.25 -16.57
N LEU A 258 2.19 -1.08 -15.93
CA LEU A 258 0.90 -0.52 -15.53
C LEU A 258 0.05 -0.09 -16.71
N LYS A 259 0.65 0.61 -17.67
CA LYS A 259 -0.11 1.08 -18.82
C LYS A 259 -0.58 -0.09 -19.70
N ARG A 260 0.09 -1.22 -19.60
CA ARG A 260 -0.28 -2.37 -20.42
C ARG A 260 -1.46 -3.15 -19.85
N THR A 261 -1.83 -2.90 -18.59
CA THR A 261 -2.81 -3.74 -17.90
C THR A 261 -3.91 -3.00 -17.12
N VAL A 262 -3.65 -1.75 -16.72
CA VAL A 262 -4.54 -1.04 -15.80
C VAL A 262 -5.47 -0.09 -16.55
N PRO A 263 -6.79 -0.34 -16.52
CA PRO A 263 -7.69 0.63 -17.17
C PRO A 263 -7.62 2.01 -16.53
N PRO A 264 -7.70 3.08 -17.34
CA PRO A 264 -7.44 4.43 -16.81
C PRO A 264 -8.56 5.05 -15.96
N ALA A 265 -9.70 4.35 -15.81
CA ALA A 265 -10.75 4.78 -14.89
C ALA A 265 -10.31 4.67 -13.44
N LEU A 266 -9.28 3.86 -13.20
CA LEU A 266 -8.71 3.77 -11.87
C LEU A 266 -7.99 5.09 -11.57
N PRO A 267 -8.32 5.75 -10.44
CA PRO A 267 -7.79 7.09 -10.15
C PRO A 267 -6.31 7.10 -9.73
N GLY A 268 -5.82 6.04 -9.10
CA GLY A 268 -4.47 6.06 -8.54
C GLY A 268 -3.78 4.74 -8.32
N VAL A 269 -2.46 4.76 -8.53
CA VAL A 269 -1.58 3.64 -8.23
C VAL A 269 -0.61 4.09 -7.16
N MET A 270 -0.73 3.50 -5.98
CA MET A 270 0.07 3.87 -4.83
C MET A 270 1.05 2.73 -4.51
N PHE A 271 2.31 2.89 -4.90
CA PHE A 271 3.28 1.80 -4.83
C PHE A 271 3.66 1.40 -3.42
N LEU A 272 3.79 0.09 -3.21
CA LEU A 272 4.45 -0.41 -2.01
C LEU A 272 5.96 -0.23 -2.17
N SER A 273 6.70 -0.06 -1.08
CA SER A 273 8.14 0.16 -1.20
C SER A 273 8.89 -1.17 -1.24
N GLY A 274 8.33 -2.22 -0.63
CA GLY A 274 8.81 -3.58 -0.79
C GLY A 274 10.27 -3.90 -0.49
N GLY A 275 10.86 -3.26 0.51
CA GLY A 275 12.23 -3.53 0.87
C GLY A 275 13.24 -2.52 0.33
N GLN A 276 12.83 -1.71 -0.64
CA GLN A 276 13.68 -0.64 -1.17
C GLN A 276 14.12 0.32 -0.08
N SER A 277 15.30 0.90 -0.25
CA SER A 277 15.76 1.94 0.66
C SER A 277 14.81 3.12 0.56
N GLU A 278 14.82 3.98 1.57
CA GLU A 278 13.94 5.14 1.58
C GLU A 278 14.22 6.02 0.37
N GLU A 279 15.51 6.16 0.02
CA GLU A 279 15.93 7.04 -1.05
C GLU A 279 15.61 6.46 -2.43
N ASP A 280 15.73 5.15 -2.58
CA ASP A 280 15.38 4.52 -3.85
C ASP A 280 13.89 4.66 -4.09
N ALA A 281 13.12 4.47 -3.03
CA ALA A 281 11.68 4.50 -3.13
C ALA A 281 11.23 5.89 -3.60
N SER A 282 11.91 6.93 -3.10
CA SER A 282 11.64 8.30 -3.54
C SER A 282 12.12 8.54 -4.97
N LEU A 283 13.37 8.21 -5.24
CA LEU A 283 13.98 8.47 -6.54
C LEU A 283 13.29 7.67 -7.66
N ASN A 284 12.85 6.46 -7.36
CA ASN A 284 12.17 5.64 -8.36
C ASN A 284 10.81 6.22 -8.72
N LEU A 285 10.09 6.68 -7.70
CA LEU A 285 8.78 7.26 -7.93
C LEU A 285 8.93 8.58 -8.68
N ASN A 286 9.95 9.34 -8.32
CA ASN A 286 10.19 10.64 -8.93
C ASN A 286 10.47 10.48 -10.42
N GLU A 287 11.23 9.45 -10.75
CA GLU A 287 11.58 9.16 -12.13
C GLU A 287 10.33 8.84 -12.96
N MET A 288 9.42 8.06 -12.41
CA MET A 288 8.17 7.76 -13.10
C MET A 288 7.39 9.03 -13.44
N ASN A 289 7.39 9.98 -12.52
CA ASN A 289 6.59 11.18 -12.69
C ASN A 289 7.32 12.28 -13.43
N LYS A 290 8.55 11.99 -13.83
CA LYS A 290 9.21 12.80 -14.84
C LYS A 290 8.69 12.40 -16.21
N MET A 291 8.07 11.23 -16.29
CA MET A 291 7.56 10.70 -17.55
C MET A 291 6.09 11.09 -17.78
N GLY A 292 5.53 11.88 -16.88
CA GLY A 292 4.13 12.28 -16.97
C GLY A 292 3.81 13.18 -18.15
N PRO A 293 2.53 13.56 -18.31
CA PRO A 293 1.39 13.18 -17.47
C PRO A 293 0.89 11.76 -17.70
N HIS A 294 0.46 11.11 -16.62
CA HIS A 294 -0.02 9.74 -16.70
C HIS A 294 -1.53 9.66 -16.63
N PRO A 295 -2.11 8.53 -17.09
CA PRO A 295 -3.56 8.33 -17.11
C PRO A 295 -4.16 8.20 -15.71
N PHE A 296 -3.30 7.90 -14.73
CA PHE A 296 -3.69 7.80 -13.34
C PHE A 296 -2.57 8.37 -12.50
N GLN A 297 -2.90 8.75 -11.28
CA GLN A 297 -1.89 9.22 -10.35
C GLN A 297 -0.97 8.08 -10.00
N LEU A 298 0.34 8.33 -10.11
CA LEU A 298 1.37 7.43 -9.63
C LEU A 298 1.94 8.02 -8.35
N SER A 299 1.74 7.32 -7.24
CA SER A 299 2.14 7.85 -5.95
C SER A 299 2.63 6.71 -5.07
N PHE A 300 2.53 6.91 -3.76
CA PHE A 300 3.09 5.96 -2.82
C PHE A 300 2.12 5.55 -1.75
N SER A 301 2.31 4.32 -1.29
CA SER A 301 1.70 3.81 -0.09
C SER A 301 2.84 3.09 0.61
N TYR A 302 3.69 3.87 1.29
CA TYR A 302 4.92 3.37 1.86
C TYR A 302 4.82 3.11 3.36
N GLY A 303 5.29 1.94 3.78
CA GLY A 303 5.49 1.65 5.19
C GLY A 303 6.95 1.86 5.54
N ARG A 304 7.78 0.89 5.17
CA ARG A 304 9.19 0.91 5.53
C ARG A 304 9.90 2.14 4.97
N ALA A 305 9.58 2.50 3.74
CA ALA A 305 10.28 3.61 3.07
C ALA A 305 9.84 4.98 3.62
N LEU A 306 8.88 5.01 4.52
CA LEU A 306 8.56 6.26 5.23
C LEU A 306 9.00 6.24 6.71
N GLN A 307 9.28 5.05 7.23
CA GLN A 307 9.50 4.90 8.67
C GLN A 307 10.91 4.48 9.06
N ALA A 308 11.69 3.95 8.12
CA ALA A 308 12.97 3.35 8.47
C ALA A 308 13.84 4.30 9.30
N SER A 309 14.11 5.47 8.76
CA SER A 309 14.92 6.45 9.48
C SER A 309 14.21 6.96 10.72
N CYS A 310 12.88 7.09 10.63
CA CYS A 310 12.08 7.59 11.73
C CYS A 310 12.27 6.72 12.96
N LEU A 311 12.11 5.42 12.77
CA LEU A 311 12.30 4.44 13.84
C LEU A 311 13.71 4.54 14.44
N LYS A 312 14.71 4.73 13.58
CA LYS A 312 16.10 4.72 14.03
C LYS A 312 16.49 6.04 14.71
N ALA A 313 15.70 7.08 14.46
CA ALA A 313 15.89 8.38 15.11
C ALA A 313 15.28 8.34 16.50
N TRP A 314 14.17 7.62 16.61
CA TRP A 314 13.44 7.46 17.87
C TRP A 314 14.19 6.50 18.82
N LYS A 315 14.52 5.31 18.34
CA LYS A 315 15.26 4.31 19.12
C LYS A 315 14.53 3.87 20.39
N GLY A 316 13.23 4.16 20.47
CA GLY A 316 12.48 3.89 21.68
C GLY A 316 12.64 4.97 22.74
N VAL A 317 13.51 5.94 22.46
CA VAL A 317 13.77 7.04 23.39
C VAL A 317 12.71 8.14 23.21
N PRO A 318 11.91 8.40 24.26
CA PRO A 318 10.85 9.41 24.16
C PRO A 318 11.34 10.80 23.80
N GLU A 319 12.51 11.20 24.30
CA GLU A 319 13.03 12.53 24.04
C GLU A 319 13.37 12.72 22.55
N ASN A 320 13.60 11.63 21.85
CA ASN A 320 13.93 11.71 20.44
C ASN A 320 12.69 11.83 19.56
N LYS A 321 11.55 12.17 20.17
CA LYS A 321 10.28 12.20 19.47
C LYS A 321 10.28 13.26 18.37
N ALA A 322 10.67 14.48 18.74
CA ALA A 322 10.72 15.59 17.81
C ALA A 322 11.63 15.28 16.63
N LYS A 323 12.84 14.82 16.93
CA LYS A 323 13.80 14.46 15.90
C LYS A 323 13.19 13.44 14.95
N ALA A 324 12.59 12.38 15.51
CA ALA A 324 11.95 11.34 14.72
C ALA A 324 10.87 11.92 13.81
N GLN A 325 10.08 12.84 14.35
CA GLN A 325 8.99 13.47 13.60
C GLN A 325 9.56 14.32 12.48
N GLN A 326 10.69 14.96 12.75
CA GLN A 326 11.39 15.76 11.74
C GLN A 326 11.81 14.86 10.56
N VAL A 327 12.29 13.66 10.89
CA VAL A 327 12.74 12.70 9.88
C VAL A 327 11.56 12.25 9.02
N LEU A 328 10.44 11.96 9.66
CA LEU A 328 9.24 11.54 8.94
C LEU A 328 8.82 12.61 7.92
N MET A 329 8.83 13.86 8.35
CA MET A 329 8.43 14.96 7.48
C MET A 329 9.35 15.04 6.28
N GLU A 330 10.65 14.85 6.52
CA GLU A 330 11.63 14.93 5.46
C GLU A 330 11.31 13.91 4.36
N ARG A 331 10.94 12.69 4.78
CA ARG A 331 10.63 11.63 3.84
C ARG A 331 9.24 11.77 3.21
N ALA A 332 8.28 12.27 3.97
CA ALA A 332 6.96 12.56 3.42
C ALA A 332 7.03 13.66 2.34
N ARG A 333 7.83 14.69 2.61
CA ARG A 333 8.08 15.77 1.65
C ARG A 333 8.77 15.24 0.39
N ALA A 334 9.79 14.42 0.58
CA ALA A 334 10.53 13.83 -0.54
C ALA A 334 9.61 13.04 -1.47
N ASN A 335 8.69 12.28 -0.90
CA ASN A 335 7.84 11.40 -1.70
C ASN A 335 6.68 12.17 -2.29
N GLY A 336 6.21 13.19 -1.58
CA GLY A 336 5.24 14.11 -2.14
C GLY A 336 5.83 14.83 -3.34
N GLU A 337 7.05 15.31 -3.19
CA GLU A 337 7.73 15.97 -4.28
C GLU A 337 7.98 14.98 -5.42
N ALA A 338 8.28 13.73 -5.08
CA ALA A 338 8.47 12.67 -6.07
C ALA A 338 7.18 12.43 -6.84
N GLN A 339 6.06 12.46 -6.13
CA GLN A 339 4.76 12.28 -6.76
C GLN A 339 4.58 13.25 -7.93
N LEU A 340 5.11 14.46 -7.75
CA LEU A 340 5.01 15.51 -8.76
C LEU A 340 6.23 15.54 -9.68
N GLY A 341 7.14 14.59 -9.49
CA GLY A 341 8.35 14.54 -10.29
C GLY A 341 9.30 15.71 -10.05
N LYS A 342 9.25 16.27 -8.83
CA LYS A 342 10.05 17.45 -8.47
C LYS A 342 10.99 17.18 -7.31
N TYR A 343 11.35 15.93 -7.09
CA TYR A 343 12.28 15.59 -6.01
C TYR A 343 13.74 15.78 -6.46
N GLY A 344 14.51 16.53 -5.67
CA GLY A 344 15.89 16.83 -6.03
C GLY A 344 16.89 15.76 -5.62
N GLY A 345 16.52 14.93 -4.65
CA GLY A 345 17.44 13.95 -4.08
C GLY A 345 17.86 14.36 -2.67
N GLY A 346 18.28 13.38 -1.88
CA GLY A 346 18.63 13.63 -0.48
C GLY A 346 19.89 12.90 -0.03
N ALA A 347 20.11 12.88 1.28
CA ALA A 347 21.28 12.23 1.86
C ALA A 347 21.09 10.71 1.93
N TYR A 361 12.49 3.10 -25.84
CA TYR A 361 11.36 2.24 -25.47
C TYR A 361 11.67 0.77 -25.74
N VAL A 362 11.56 -0.07 -24.71
CA VAL A 362 11.76 -1.51 -24.85
C VAL A 362 10.41 -2.23 -24.84
N TYR A 363 10.13 -2.94 -25.93
CA TYR A 363 8.83 -3.56 -26.11
C TYR A 363 8.83 -4.99 -25.57
#